data_9FNM
#
_entry.id   9FNM
#
_cell.length_a   89.887
_cell.length_b   77.639
_cell.length_c   65.085
_cell.angle_alpha   90.000
_cell.angle_beta   92.508
_cell.angle_gamma   90.000
#
_symmetry.space_group_name_H-M   'C 1 2 1'
#
loop_
_entity.id
_entity.type
_entity.pdbx_description
1 polymer 'Isoform 2 of Haptoglobin alpha chain'
2 polymer 'Haptoglobin beta chain'
3 non-polymer 2-acetamido-2-deoxy-beta-D-glucopyranose
4 water water
#
loop_
_entity_poly.entity_id
_entity_poly.type
_entity_poly.pdbx_seq_one_letter_code
_entity_poly.pdbx_strand_id
1 'polypeptide(L)'
;VDSGNDVTDIADDGCPKPPEIAHGYVEHSVRYQCKNYYKLRTEGDGVYTLNNEKQWINKAVGDKLPECEAVCGKPKNPAN
PVQ
;
A
2 'polypeptide(L)'
;ILGGHLDAKGSFPWQAKMVSHHNLTTGATLINEQWLLTTAKNLFLNHSENATAKDIAPTLTLYVGKKQLVEIEKVVLHPN
YSQVDIGLIKLKQKVSVNERVMPICLPSKDYAEVGRVGYVSGWGRNANFKFTDHLKYVMLPVADQDQCIRHYEGSTVPEK
KTPKSPVGVQPILNEHTFCAGMSKYQEDTCYGDAGSAFAVHDLEEDTWYATGILSFDKSCAVAEYGVYVKVTSIQDWVQK
TIAEN
;
B
#
# COMPACT_ATOMS: atom_id res chain seq x y z
N CYS A 15 -0.42 -41.36 5.15
CA CYS A 15 -0.52 -41.89 3.79
C CYS A 15 0.40 -41.12 2.85
N PRO A 16 0.96 -41.80 1.82
CA PRO A 16 0.79 -43.21 1.42
C PRO A 16 1.23 -44.25 2.46
N LYS A 17 0.23 -44.94 3.01
CA LYS A 17 0.27 -46.03 3.99
C LYS A 17 1.65 -46.32 4.55
N PRO A 18 1.91 -45.95 5.81
CA PRO A 18 3.12 -46.43 6.47
C PRO A 18 3.04 -47.93 6.66
N PRO A 19 4.14 -48.65 6.43
CA PRO A 19 4.08 -50.12 6.54
C PRO A 19 3.73 -50.54 7.96
N GLU A 20 2.95 -51.61 8.05
CA GLU A 20 2.56 -52.15 9.34
C GLU A 20 3.55 -53.19 9.81
N ILE A 21 3.78 -53.25 11.11
CA ILE A 21 4.66 -54.22 11.72
C ILE A 21 3.83 -55.13 12.62
N ALA A 22 4.27 -56.37 12.75
CA ALA A 22 3.55 -57.34 13.56
C ALA A 22 3.54 -56.91 15.02
N HIS A 23 2.36 -57.02 15.64
CA HIS A 23 2.14 -56.67 17.05
C HIS A 23 2.49 -55.22 17.35
N GLY A 24 2.51 -54.37 16.32
CA GLY A 24 2.74 -52.95 16.50
C GLY A 24 1.58 -52.14 15.93
N TYR A 25 1.60 -50.84 16.23
CA TYR A 25 0.61 -49.93 15.70
C TYR A 25 1.23 -48.54 15.56
N VAL A 26 0.58 -47.71 14.76
CA VAL A 26 1.07 -46.38 14.45
C VAL A 26 0.09 -45.35 14.99
N GLU A 27 0.63 -44.25 15.53
CA GLU A 27 -0.14 -43.05 15.79
C GLU A 27 0.30 -42.01 14.77
N HIS A 28 -0.66 -41.39 14.10
CA HIS A 28 -0.37 -40.47 13.02
C HIS A 28 -0.23 -39.05 13.55
N SER A 29 0.87 -38.39 13.19
CA SER A 29 1.07 -36.98 13.45
C SER A 29 1.10 -36.22 12.12
N VAL A 30 0.81 -34.93 12.19
CA VAL A 30 0.86 -34.07 11.03
C VAL A 30 1.37 -32.71 11.45
N ARG A 31 2.19 -32.09 10.61
CA ARG A 31 2.79 -30.80 10.88
C ARG A 31 2.43 -29.84 9.74
N TYR A 32 1.78 -28.73 10.09
CA TYR A 32 1.38 -27.74 9.10
C TYR A 32 2.49 -26.73 8.88
N GLN A 33 2.71 -26.37 7.61
CA GLN A 33 3.64 -25.33 7.22
C GLN A 33 3.04 -24.57 6.06
N CYS A 34 3.41 -23.30 5.93
CA CYS A 34 2.90 -22.45 4.87
C CYS A 34 3.90 -22.36 3.74
N LYS A 35 3.38 -22.33 2.51
CA LYS A 35 4.23 -22.08 1.36
C LYS A 35 4.65 -20.62 1.34
N ASN A 36 5.55 -20.29 0.41
CA ASN A 36 5.76 -18.90 0.07
C ASN A 36 4.49 -18.36 -0.60
N TYR A 37 4.17 -17.10 -0.32
CA TYR A 37 4.97 -16.22 0.52
C TYR A 37 4.19 -15.94 1.81
N TYR A 38 4.00 -16.97 2.61
CA TYR A 38 3.07 -16.93 3.74
C TYR A 38 3.77 -17.33 5.03
N LYS A 39 3.09 -17.07 6.15
CA LYS A 39 3.57 -17.40 7.47
C LYS A 39 2.47 -18.11 8.26
N LEU A 40 2.88 -18.96 9.19
CA LEU A 40 1.96 -19.75 9.98
C LEU A 40 1.41 -18.90 11.13
N ARG A 41 0.09 -18.79 11.20
CA ARG A 41 -0.59 -18.05 12.27
C ARG A 41 -1.34 -19.06 13.14
N THR A 42 -0.76 -19.37 14.29
CA THR A 42 -1.38 -20.29 15.24
C THR A 42 -0.74 -20.09 16.61
N GLU A 43 -1.52 -20.34 17.66
CA GLU A 43 -1.00 -20.26 19.01
C GLU A 43 -0.27 -21.53 19.43
N GLY A 44 -0.45 -22.64 18.69
CA GLY A 44 0.28 -23.85 18.93
C GLY A 44 1.52 -23.96 18.06
N ASP A 45 2.14 -25.14 18.10
CA ASP A 45 3.37 -25.39 17.35
C ASP A 45 3.11 -25.98 15.97
N GLY A 46 1.85 -26.03 15.52
CA GLY A 46 1.53 -26.53 14.21
C GLY A 46 1.45 -28.04 14.09
N VAL A 47 1.71 -28.78 15.16
CA VAL A 47 1.71 -30.24 15.14
C VAL A 47 0.37 -30.73 15.63
N TYR A 48 -0.25 -31.64 14.87
CA TYR A 48 -1.56 -32.20 15.20
C TYR A 48 -1.46 -33.71 15.18
N THR A 49 -2.01 -34.35 16.21
CA THR A 49 -1.98 -35.80 16.35
C THR A 49 -3.39 -36.37 16.24
N LEU A 50 -3.53 -37.44 15.49
CA LEU A 50 -4.83 -38.09 15.27
C LEU A 50 -5.16 -38.98 16.47
N ASN A 51 -6.32 -38.74 17.10
CA ASN A 51 -6.74 -39.52 18.24
C ASN A 51 -7.79 -40.54 17.82
N ASN A 52 -8.39 -41.21 18.81
CA ASN A 52 -9.32 -42.30 18.53
C ASN A 52 -10.61 -41.82 17.89
N GLU A 53 -10.94 -40.53 17.99
CA GLU A 53 -12.19 -39.99 17.52
C GLU A 53 -12.10 -39.41 16.11
N LYS A 54 -11.15 -39.87 15.30
CA LYS A 54 -10.94 -39.36 13.95
C LYS A 54 -10.63 -37.87 13.94
N GLN A 55 -10.01 -37.38 15.01
CA GLN A 55 -9.76 -35.96 15.21
C GLN A 55 -8.27 -35.70 15.28
N TRP A 56 -7.80 -34.70 14.52
CA TRP A 56 -6.42 -34.24 14.58
C TRP A 56 -6.32 -33.16 15.65
N ILE A 57 -5.65 -33.48 16.75
CA ILE A 57 -5.63 -32.62 17.94
C ILE A 57 -4.22 -32.08 18.14
N ASN A 58 -4.12 -30.77 18.32
CA ASN A 58 -2.88 -30.12 18.74
C ASN A 58 -2.91 -29.93 20.25
N LYS A 59 -1.76 -30.04 20.88
CA LYS A 59 -1.64 -29.79 22.32
C LYS A 59 -0.89 -28.47 22.54
N ALA A 60 -1.65 -27.40 22.78
CA ALA A 60 -3.11 -27.48 22.80
C ALA A 60 -3.82 -26.23 22.34
N VAL A 61 -4.02 -26.14 21.03
CA VAL A 61 -5.04 -25.29 20.45
C VAL A 61 -6.29 -26.10 20.09
N GLY A 62 -6.33 -27.36 20.50
CA GLY A 62 -7.47 -28.23 20.22
C GLY A 62 -7.50 -28.68 18.78
N ASP A 63 -8.70 -28.80 18.23
CA ASP A 63 -8.86 -29.10 16.81
C ASP A 63 -8.78 -27.86 15.94
N LYS A 64 -8.50 -26.70 16.53
CA LYS A 64 -8.39 -25.46 15.77
C LYS A 64 -7.19 -25.55 14.83
N LEU A 65 -7.45 -25.45 13.53
CA LEU A 65 -6.40 -25.56 12.54
C LEU A 65 -5.62 -24.25 12.43
N PRO A 66 -4.39 -24.32 11.93
CA PRO A 66 -3.62 -23.09 11.73
C PRO A 66 -4.14 -22.31 10.53
N GLU A 67 -3.59 -21.11 10.36
CA GLU A 67 -3.87 -20.27 9.21
C GLU A 67 -2.55 -19.85 8.58
N CYS A 68 -2.59 -19.64 7.27
CA CYS A 68 -1.43 -19.15 6.53
C CYS A 68 -1.71 -17.70 6.12
N GLU A 69 -0.99 -16.78 6.73
CA GLU A 69 -1.14 -15.35 6.47
C GLU A 69 -0.02 -14.88 5.56
N ALA A 70 -0.34 -13.95 4.67
CA ALA A 70 0.64 -13.45 3.73
C ALA A 70 1.68 -12.58 4.43
N VAL A 71 2.91 -12.66 3.96
CA VAL A 71 3.99 -11.84 4.49
C VAL A 71 3.99 -10.50 3.79
N CYS A 72 4.10 -9.42 4.57
CA CYS A 72 4.12 -8.08 4.00
C CYS A 72 5.55 -7.58 3.90
N GLY A 73 5.78 -6.71 2.91
CA GLY A 73 7.02 -5.96 2.82
C GLY A 73 8.29 -6.78 2.75
N LYS A 74 8.27 -7.90 2.05
CA LYS A 74 9.45 -8.73 1.83
C LYS A 74 9.58 -9.02 0.34
N PRO A 75 9.89 -8.00 -0.47
CA PRO A 75 9.92 -8.19 -1.92
C PRO A 75 11.00 -9.18 -2.33
N LYS A 76 10.66 -10.01 -3.32
CA LYS A 76 11.61 -11.01 -3.78
C LYS A 76 12.85 -10.37 -4.38
N ASN A 77 12.67 -9.30 -5.16
CA ASN A 77 13.76 -8.56 -5.79
C ASN A 77 13.64 -7.11 -5.35
N PRO A 78 14.16 -6.76 -4.18
CA PRO A 78 14.01 -5.39 -3.67
C PRO A 78 14.73 -4.37 -4.56
N ALA A 79 14.29 -3.13 -4.46
CA ALA A 79 14.88 -2.06 -5.25
C ALA A 79 16.32 -1.82 -4.82
N ASN A 80 17.09 -1.20 -5.71
CA ASN A 80 18.49 -0.95 -5.44
C ASN A 80 18.62 -0.01 -4.24
N PRO A 81 19.58 -0.26 -3.34
CA PRO A 81 19.65 0.50 -2.09
C PRO A 81 19.92 1.98 -2.33
N VAL A 82 19.73 2.75 -1.27
CA VAL A 82 19.84 4.20 -1.32
C VAL A 82 21.28 4.64 -1.58
N ILE B 1 5.35 9.77 -13.23
CA ILE B 1 6.66 9.99 -12.64
C ILE B 1 7.61 10.57 -13.68
N LEU B 2 8.12 11.77 -13.43
CA LEU B 2 9.15 12.35 -14.28
C LEU B 2 10.51 11.76 -13.92
N GLY B 3 11.28 11.39 -14.93
CA GLY B 3 12.57 10.77 -14.70
C GLY B 3 12.44 9.50 -13.88
N GLY B 4 13.47 9.20 -13.10
CA GLY B 4 13.45 8.05 -12.23
C GLY B 4 13.97 6.79 -12.91
N HIS B 5 13.55 5.65 -12.36
CA HIS B 5 13.99 4.35 -12.83
C HIS B 5 12.79 3.50 -13.24
N LEU B 6 13.04 2.59 -14.17
CA LEU B 6 12.04 1.58 -14.53
C LEU B 6 12.04 0.46 -13.48
N ASP B 7 10.85 0.06 -13.04
CA ASP B 7 10.71 -1.10 -12.17
C ASP B 7 11.04 -2.35 -12.95
N ALA B 8 12.32 -2.55 -13.26
CA ALA B 8 12.74 -3.63 -14.15
C ALA B 8 12.82 -4.98 -13.44
N LYS B 9 13.00 -4.98 -12.13
CA LYS B 9 13.08 -6.23 -11.36
C LYS B 9 11.75 -6.59 -10.70
N GLY B 10 10.74 -5.73 -10.79
CA GLY B 10 9.50 -5.96 -10.09
C GLY B 10 9.68 -5.88 -8.59
N SER B 11 10.07 -4.69 -8.11
CA SER B 11 10.43 -4.48 -6.71
C SER B 11 9.32 -3.82 -5.91
N PHE B 12 8.14 -3.63 -6.49
CA PHE B 12 7.01 -2.99 -5.82
C PHE B 12 5.76 -3.84 -6.02
N PRO B 13 5.71 -5.04 -5.43
CA PRO B 13 4.53 -5.89 -5.61
C PRO B 13 3.27 -5.36 -4.93
N TRP B 14 3.39 -4.31 -4.12
CA TRP B 14 2.23 -3.69 -3.50
C TRP B 14 1.58 -2.63 -4.38
N GLN B 15 2.21 -2.28 -5.49
CA GLN B 15 1.67 -1.24 -6.36
C GLN B 15 0.49 -1.77 -7.17
N ALA B 16 -0.60 -1.02 -7.18
CA ALA B 16 -1.77 -1.34 -7.97
C ALA B 16 -2.08 -0.19 -8.91
N LYS B 17 -2.75 -0.51 -10.01
CA LYS B 17 -3.16 0.47 -11.00
C LYS B 17 -4.67 0.56 -11.02
N MET B 18 -5.20 1.73 -10.68
CA MET B 18 -6.63 1.97 -10.70
C MET B 18 -6.98 2.83 -11.91
N VAL B 19 -8.09 2.50 -12.57
CA VAL B 19 -8.55 3.20 -13.77
C VAL B 19 -9.98 3.66 -13.53
N SER B 20 -10.24 4.93 -13.81
CA SER B 20 -11.60 5.45 -13.71
C SER B 20 -12.37 5.14 -14.99
N HIS B 21 -13.68 5.35 -14.92
CA HIS B 21 -14.55 4.97 -16.05
C HIS B 21 -14.36 5.87 -17.26
N HIS B 22 -13.52 6.90 -17.16
CA HIS B 22 -13.14 7.74 -18.29
C HIS B 22 -11.64 7.64 -18.59
N ASN B 23 -11.04 6.51 -18.20
CA ASN B 23 -9.70 6.10 -18.64
C ASN B 23 -8.59 6.95 -18.02
N LEU B 24 -8.82 7.49 -16.83
CA LEU B 24 -7.75 8.12 -16.06
C LEU B 24 -7.12 7.10 -15.13
N THR B 25 -5.78 7.10 -15.07
CA THR B 25 -5.01 6.12 -14.31
C THR B 25 -4.51 6.74 -13.01
N THR B 26 -4.74 6.06 -11.90
CA THR B 26 -4.22 6.48 -10.60
C THR B 26 -3.64 5.26 -9.90
N GLY B 27 -3.11 5.48 -8.70
CA GLY B 27 -2.46 4.42 -7.96
C GLY B 27 -3.20 3.95 -6.72
N ALA B 28 -2.88 2.74 -6.26
CA ALA B 28 -3.37 2.22 -5.01
C ALA B 28 -2.28 1.34 -4.41
N THR B 29 -2.40 1.04 -3.12
CA THR B 29 -1.34 0.34 -2.40
C THR B 29 -1.93 -0.83 -1.63
N LEU B 30 -1.52 -2.04 -1.99
CA LEU B 30 -1.94 -3.24 -1.28
C LEU B 30 -1.29 -3.27 0.11
N ILE B 31 -2.13 -3.21 1.14
CA ILE B 31 -1.70 -3.27 2.53
C ILE B 31 -2.14 -4.56 3.22
N ASN B 32 -2.75 -5.47 2.47
CA ASN B 32 -3.53 -6.57 3.03
C ASN B 32 -3.83 -7.51 1.88
N GLU B 33 -4.26 -8.73 2.21
CA GLU B 33 -4.68 -9.66 1.18
C GLU B 33 -6.00 -9.27 0.55
N GLN B 34 -6.77 -8.39 1.18
CA GLN B 34 -8.07 -7.98 0.67
C GLN B 34 -8.26 -6.46 0.60
N TRP B 35 -7.33 -5.67 1.13
CA TRP B 35 -7.53 -4.24 1.27
C TRP B 35 -6.41 -3.46 0.59
N LEU B 36 -6.76 -2.26 0.10
CA LEU B 36 -5.80 -1.37 -0.53
C LEU B 36 -6.04 0.05 -0.05
N LEU B 37 -4.96 0.83 0.03
CA LEU B 37 -5.04 2.23 0.37
C LEU B 37 -4.97 3.08 -0.90
N THR B 38 -5.73 4.16 -0.91
CA THR B 38 -5.73 5.12 -2.01
C THR B 38 -6.21 6.46 -1.45
N THR B 39 -6.32 7.46 -2.33
CA THR B 39 -6.78 8.78 -1.93
C THR B 39 -8.25 8.97 -2.29
N ALA B 40 -8.92 9.84 -1.53
CA ALA B 40 -10.32 10.11 -1.82
C ALA B 40 -10.49 10.81 -3.16
N LYS B 41 -9.55 11.70 -3.51
CA LYS B 41 -9.60 12.38 -4.80
C LYS B 41 -9.55 11.39 -5.95
N ASN B 42 -8.76 10.31 -5.80
CA ASN B 42 -8.73 9.27 -6.82
C ASN B 42 -10.10 8.65 -7.03
N LEU B 43 -10.81 8.36 -5.94
CA LEU B 43 -12.09 7.69 -6.05
C LEU B 43 -13.18 8.63 -6.61
N PHE B 44 -13.06 9.92 -6.35
CA PHE B 44 -14.01 10.89 -6.88
C PHE B 44 -13.66 11.36 -8.27
N LEU B 45 -12.67 10.75 -8.91
CA LEU B 45 -12.32 11.12 -10.28
C LEU B 45 -13.46 10.76 -11.23
N ASN B 46 -13.80 11.70 -12.11
CA ASN B 46 -14.90 11.55 -13.06
C ASN B 46 -16.23 11.27 -12.35
N HIS B 47 -16.39 11.83 -11.16
CA HIS B 47 -17.64 11.81 -10.44
C HIS B 47 -17.97 13.23 -9.98
N SER B 48 -19.17 13.39 -9.45
CA SER B 48 -19.52 14.62 -8.76
C SER B 48 -19.20 14.47 -7.27
N GLU B 49 -19.07 15.62 -6.60
CA GLU B 49 -18.86 15.59 -5.16
C GLU B 49 -20.03 14.96 -4.42
N ASN B 50 -21.17 14.81 -5.07
CA ASN B 50 -22.37 14.24 -4.46
C ASN B 50 -22.36 12.71 -4.46
N ALA B 51 -21.40 12.09 -5.13
CA ALA B 51 -21.39 10.63 -5.21
C ALA B 51 -21.03 10.02 -3.87
N THR B 52 -21.53 8.82 -3.63
CA THR B 52 -21.29 8.08 -2.40
C THR B 52 -20.29 6.95 -2.65
N ALA B 53 -20.06 6.15 -1.61
CA ALA B 53 -19.12 5.03 -1.74
C ALA B 53 -19.72 3.92 -2.60
N LYS B 54 -21.00 3.61 -2.41
CA LYS B 54 -21.65 2.58 -3.23
C LYS B 54 -21.79 3.01 -4.68
N ASP B 55 -21.76 4.32 -4.95
CA ASP B 55 -21.77 4.77 -6.34
C ASP B 55 -20.41 4.58 -7.00
N ILE B 56 -19.33 4.78 -6.23
CA ILE B 56 -17.99 4.83 -6.83
C ILE B 56 -17.50 3.42 -7.16
N ALA B 57 -17.71 2.47 -6.25
CA ALA B 57 -17.12 1.14 -6.37
C ALA B 57 -17.37 0.45 -7.71
N PRO B 58 -18.60 0.39 -8.24
CA PRO B 58 -18.80 -0.35 -9.50
C PRO B 58 -18.11 0.29 -10.70
N THR B 59 -17.79 1.58 -10.63
CA THR B 59 -17.20 2.29 -11.76
C THR B 59 -15.67 2.18 -11.80
N LEU B 60 -15.07 1.43 -10.88
CA LEU B 60 -13.62 1.35 -10.78
C LEU B 60 -13.10 0.07 -11.45
N THR B 61 -11.88 0.15 -11.96
CA THR B 61 -11.14 -1.00 -12.47
C THR B 61 -9.77 -1.00 -11.80
N LEU B 62 -9.35 -2.17 -11.34
CA LEU B 62 -8.16 -2.27 -10.50
C LEU B 62 -7.29 -3.43 -10.95
N TYR B 63 -5.99 -3.16 -11.12
CA TYR B 63 -5.01 -4.17 -11.53
C TYR B 63 -3.91 -4.25 -10.50
N VAL B 64 -3.42 -5.47 -10.26
CA VAL B 64 -2.24 -5.70 -9.44
C VAL B 64 -1.27 -6.55 -10.26
N GLY B 65 0.00 -6.53 -9.84
CA GLY B 65 0.99 -7.38 -10.49
C GLY B 65 1.12 -7.07 -11.98
N LYS B 66 1.05 -8.12 -12.79
CA LYS B 66 1.23 -8.00 -14.23
C LYS B 66 -0.14 -7.98 -14.90
N LYS B 67 -0.77 -6.80 -14.85
CA LYS B 67 -2.06 -6.57 -15.50
C LYS B 67 -3.12 -7.57 -15.05
N GLN B 68 -3.11 -7.87 -13.75
CA GLN B 68 -4.00 -8.87 -13.16
C GLN B 68 -5.21 -8.16 -12.56
N LEU B 69 -6.37 -8.38 -13.18
CA LEU B 69 -7.60 -7.76 -12.71
C LEU B 69 -8.06 -8.40 -11.40
N VAL B 70 -8.52 -7.55 -10.47
CA VAL B 70 -9.04 -8.00 -9.19
C VAL B 70 -10.40 -7.34 -8.97
N GLU B 71 -11.38 -8.14 -8.56
CA GLU B 71 -12.73 -7.63 -8.37
C GLU B 71 -12.83 -6.84 -7.07
N ILE B 72 -13.53 -5.72 -7.12
CA ILE B 72 -13.71 -4.84 -5.97
C ILE B 72 -15.05 -5.14 -5.32
N GLU B 73 -15.05 -5.23 -3.99
CA GLU B 73 -16.30 -5.40 -3.26
C GLU B 73 -16.90 -4.06 -2.85
N LYS B 74 -16.11 -3.20 -2.21
CA LYS B 74 -16.61 -1.90 -1.78
C LYS B 74 -15.44 -0.97 -1.51
N VAL B 75 -15.76 0.30 -1.32
CA VAL B 75 -14.79 1.31 -0.93
C VAL B 75 -15.30 1.99 0.35
N VAL B 76 -14.35 2.49 1.15
CA VAL B 76 -14.66 3.16 2.40
C VAL B 76 -13.87 4.46 2.44
N LEU B 77 -14.54 5.58 2.21
CA LEU B 77 -13.90 6.88 2.30
C LEU B 77 -13.59 7.22 3.75
N HIS B 78 -12.51 7.96 3.94
CA HIS B 78 -12.18 8.44 5.28
C HIS B 78 -13.28 9.40 5.74
N PRO B 79 -13.72 9.29 7.00
CA PRO B 79 -14.80 10.18 7.46
C PRO B 79 -14.51 11.66 7.25
N ASN B 80 -13.24 12.04 7.22
CA ASN B 80 -12.83 13.41 6.98
C ASN B 80 -11.93 13.51 5.75
N TYR B 81 -12.41 13.05 4.60
CA TYR B 81 -11.51 12.99 3.47
C TYR B 81 -11.17 14.36 2.89
N SER B 82 -11.82 15.44 3.36
CA SER B 82 -11.45 16.77 2.91
C SER B 82 -10.16 17.28 3.54
N GLN B 83 -9.74 16.68 4.67
CA GLN B 83 -8.44 16.94 5.26
C GLN B 83 -7.51 15.72 5.23
N VAL B 84 -8.07 14.52 5.14
CA VAL B 84 -7.28 13.29 5.10
C VAL B 84 -7.67 12.58 3.80
N ASP B 85 -6.98 12.93 2.72
CA ASP B 85 -7.29 12.43 1.38
C ASP B 85 -6.96 10.95 1.29
N ILE B 86 -7.86 10.13 1.82
CA ILE B 86 -7.60 8.69 1.95
C ILE B 86 -8.92 7.94 1.73
N GLY B 87 -8.82 6.83 1.01
CA GLY B 87 -9.90 5.87 0.93
C GLY B 87 -9.35 4.46 0.97
N LEU B 88 -10.20 3.53 1.41
CA LEU B 88 -9.84 2.12 1.47
C LEU B 88 -10.68 1.33 0.46
N ILE B 89 -10.01 0.44 -0.25
CA ILE B 89 -10.67 -0.46 -1.21
C ILE B 89 -10.60 -1.87 -0.64
N LYS B 90 -11.74 -2.56 -0.64
CA LYS B 90 -11.79 -3.96 -0.24
C LYS B 90 -12.10 -4.82 -1.45
N LEU B 91 -11.32 -5.88 -1.63
CA LEU B 91 -11.54 -6.84 -2.70
C LEU B 91 -12.52 -7.92 -2.26
N LYS B 92 -13.25 -8.47 -3.23
CA LYS B 92 -14.14 -9.59 -2.91
C LYS B 92 -13.34 -10.81 -2.47
N GLN B 93 -12.23 -11.08 -3.13
CA GLN B 93 -11.43 -12.27 -2.89
C GLN B 93 -10.06 -11.88 -2.36
N LYS B 94 -9.52 -12.70 -1.47
CA LYS B 94 -8.11 -12.59 -1.13
C LYS B 94 -7.26 -12.78 -2.38
N VAL B 95 -6.39 -11.82 -2.65
CA VAL B 95 -5.49 -11.94 -3.79
C VAL B 95 -4.39 -12.92 -3.41
N SER B 96 -4.00 -13.75 -4.38
CA SER B 96 -2.91 -14.69 -4.16
C SER B 96 -1.58 -13.95 -4.14
N VAL B 97 -0.78 -14.15 -3.10
CA VAL B 97 0.45 -13.41 -2.87
C VAL B 97 1.63 -14.18 -3.44
N ASN B 98 2.39 -13.54 -4.31
CA ASN B 98 3.58 -14.12 -4.92
C ASN B 98 4.63 -13.02 -5.08
N GLU B 99 5.58 -13.22 -5.99
CA GLU B 99 6.64 -12.24 -6.17
C GLU B 99 6.17 -11.02 -6.95
N ARG B 100 5.03 -11.10 -7.63
CA ARG B 100 4.48 -9.96 -8.33
C ARG B 100 3.36 -9.24 -7.58
N VAL B 101 2.75 -9.91 -6.59
CA VAL B 101 1.64 -9.33 -5.83
C VAL B 101 1.91 -9.60 -4.36
N MET B 102 2.13 -8.54 -3.57
CA MET B 102 2.46 -8.69 -2.16
C MET B 102 2.17 -7.39 -1.44
N PRO B 103 1.48 -7.42 -0.30
CA PRO B 103 1.19 -6.19 0.42
C PRO B 103 2.42 -5.62 1.11
N ILE B 104 2.41 -4.31 1.28
CA ILE B 104 3.44 -3.60 2.03
C ILE B 104 3.00 -3.55 3.48
N CYS B 105 3.96 -3.45 4.39
CA CYS B 105 3.62 -3.42 5.81
C CYS B 105 3.22 -2.01 6.24
N LEU B 106 2.33 -1.96 7.22
CA LEU B 106 2.00 -0.69 7.86
C LEU B 106 2.96 -0.45 9.02
N PRO B 107 3.53 0.74 9.14
CA PRO B 107 4.62 0.95 10.09
C PRO B 107 4.14 1.12 11.51
N SER B 108 4.94 0.59 12.44
CA SER B 108 4.77 0.86 13.86
C SER B 108 5.59 2.05 14.33
N LYS B 109 6.63 2.43 13.58
CA LYS B 109 7.44 3.60 13.89
C LYS B 109 7.07 4.75 12.94
N ASP B 110 7.43 5.96 13.37
CA ASP B 110 7.29 7.15 12.54
C ASP B 110 8.62 7.35 11.82
N TYR B 111 8.62 7.12 10.51
CA TYR B 111 9.80 7.31 9.68
C TYR B 111 9.83 8.66 9.00
N ALA B 112 8.80 9.48 9.16
CA ALA B 112 8.68 10.73 8.40
C ALA B 112 9.56 11.84 8.98
N GLU B 113 10.86 11.54 9.06
CA GLU B 113 11.85 12.53 9.48
C GLU B 113 12.36 13.30 8.27
N VAL B 114 12.55 14.61 8.45
CA VAL B 114 13.06 15.47 7.40
C VAL B 114 14.38 14.92 6.88
N GLY B 115 14.40 14.53 5.62
CA GLY B 115 15.59 14.01 4.98
C GLY B 115 15.58 12.53 4.72
N ARG B 116 14.68 11.76 5.34
CA ARG B 116 14.65 10.32 5.10
C ARG B 116 14.21 10.04 3.67
N VAL B 117 14.94 9.14 3.01
CA VAL B 117 14.70 8.81 1.61
C VAL B 117 13.68 7.70 1.52
N GLY B 118 12.65 7.91 0.71
CA GLY B 118 11.66 6.87 0.46
C GLY B 118 11.51 6.58 -1.02
N TYR B 119 10.94 5.43 -1.36
CA TYR B 119 10.71 5.07 -2.76
C TYR B 119 9.24 5.28 -3.08
N VAL B 120 8.99 5.97 -4.20
CA VAL B 120 7.63 6.17 -4.71
C VAL B 120 7.56 5.56 -6.10
N SER B 121 6.74 4.52 -6.25
CA SER B 121 6.41 3.94 -7.54
C SER B 121 5.11 4.53 -8.05
N GLY B 122 4.93 4.52 -9.38
CA GLY B 122 3.73 5.12 -9.92
C GLY B 122 3.47 4.91 -11.40
N TRP B 123 2.19 4.83 -11.77
CA TRP B 123 1.77 4.72 -13.16
C TRP B 123 1.46 6.08 -13.78
N GLY B 124 1.84 7.17 -13.12
CA GLY B 124 1.46 8.49 -13.55
C GLY B 124 2.15 8.91 -14.84
N ARG B 125 1.93 10.18 -15.19
CA ARG B 125 2.44 10.72 -16.43
C ARG B 125 3.93 11.03 -16.34
N ASN B 126 4.62 10.90 -17.48
CA ASN B 126 6.06 11.02 -17.55
C ASN B 126 6.45 12.41 -18.08
N ALA B 127 7.67 12.53 -18.61
CA ALA B 127 8.14 13.83 -19.09
C ALA B 127 7.36 14.29 -20.32
N ASN B 128 6.77 13.36 -21.06
CA ASN B 128 5.97 13.67 -22.23
C ASN B 128 4.49 13.84 -21.92
N PHE B 129 4.14 13.99 -20.64
CA PHE B 129 2.75 14.14 -20.19
C PHE B 129 1.91 12.92 -20.53
N LYS B 130 2.54 11.77 -20.74
CA LYS B 130 1.87 10.53 -21.09
C LYS B 130 1.93 9.56 -19.92
N PHE B 131 0.81 8.88 -19.67
CA PHE B 131 0.80 7.77 -18.74
C PHE B 131 1.87 6.76 -19.11
N THR B 132 2.69 6.38 -18.13
CA THR B 132 3.83 5.53 -18.41
C THR B 132 3.38 4.12 -18.81
N ASP B 133 4.15 3.50 -19.70
CA ASP B 133 3.83 2.16 -20.17
C ASP B 133 4.27 1.09 -19.18
N HIS B 134 5.36 1.34 -18.46
CA HIS B 134 5.87 0.43 -17.44
C HIS B 134 6.01 1.16 -16.13
N LEU B 135 5.90 0.40 -15.04
CA LEU B 135 5.97 1.00 -13.70
C LEU B 135 7.33 1.64 -13.48
N LYS B 136 7.32 2.84 -12.93
CA LYS B 136 8.53 3.59 -12.61
C LYS B 136 8.56 3.93 -11.13
N TYR B 137 9.76 4.19 -10.61
CA TYR B 137 9.93 4.58 -9.23
C TYR B 137 10.98 5.68 -9.13
N VAL B 138 10.90 6.43 -8.03
CA VAL B 138 11.81 7.53 -7.78
C VAL B 138 12.07 7.60 -6.28
N MET B 139 13.30 7.99 -5.92
CA MET B 139 13.70 8.11 -4.52
C MET B 139 13.61 9.57 -4.11
N LEU B 140 12.78 9.86 -3.11
CA LEU B 140 12.55 11.23 -2.68
C LEU B 140 12.79 11.36 -1.19
N PRO B 141 13.32 12.50 -0.74
CA PRO B 141 13.51 12.73 0.70
C PRO B 141 12.40 13.53 1.34
N VAL B 142 12.10 13.27 2.61
CA VAL B 142 11.11 14.07 3.33
C VAL B 142 11.63 15.50 3.48
N ALA B 143 10.76 16.46 3.21
CA ALA B 143 11.12 17.87 3.25
C ALA B 143 10.67 18.50 4.56
N ASP B 144 11.22 19.68 4.84
CA ASP B 144 10.85 20.44 6.02
C ASP B 144 9.39 20.85 5.94
N GLN B 145 8.65 20.60 7.02
CA GLN B 145 7.20 20.82 7.00
C GLN B 145 6.87 22.31 6.89
N ASP B 146 7.62 23.16 7.59
CA ASP B 146 7.30 24.59 7.57
C ASP B 146 7.68 25.23 6.23
N GLN B 147 8.82 24.84 5.66
CA GLN B 147 9.19 25.34 4.34
C GLN B 147 8.19 24.89 3.28
N CYS B 148 7.60 23.71 3.45
CA CYS B 148 6.60 23.23 2.52
C CYS B 148 5.32 24.04 2.61
N ILE B 149 4.82 24.23 3.84
CA ILE B 149 3.65 25.06 4.07
C ILE B 149 3.88 26.47 3.56
N ARG B 150 5.12 26.97 3.69
CA ARG B 150 5.44 28.31 3.22
C ARG B 150 5.43 28.39 1.70
N HIS B 151 5.82 27.30 1.02
CA HIS B 151 5.87 27.36 -0.44
C HIS B 151 4.49 27.25 -1.08
N TYR B 152 3.60 26.45 -0.51
CA TYR B 152 2.27 26.23 -1.07
C TYR B 152 1.21 27.16 -0.47
N GLU B 153 1.52 27.86 0.60
CA GLU B 153 0.57 28.77 1.22
C GLU B 153 1.32 30.05 1.58
N GLY B 154 0.65 30.93 2.31
CA GLY B 154 1.28 32.17 2.71
C GLY B 154 2.36 31.97 3.75
N SER B 155 1.98 31.49 4.93
CA SER B 155 2.92 31.26 6.02
C SER B 155 2.34 30.18 6.93
N THR B 156 2.98 30.00 8.09
CA THR B 156 2.42 29.09 9.10
C THR B 156 1.18 29.69 9.72
N VAL B 157 1.09 31.02 9.76
CA VAL B 157 -0.05 31.70 10.40
C VAL B 157 -1.29 31.52 9.53
N PRO B 158 -2.43 31.11 10.11
CA PRO B 158 -3.64 30.96 9.28
C PRO B 158 -4.13 32.26 8.67
N GLU B 159 -4.01 33.38 9.39
CA GLU B 159 -4.50 34.67 8.90
C GLU B 159 -3.52 35.35 7.95
N LYS B 160 -2.54 34.63 7.43
CA LYS B 160 -1.56 35.20 6.51
C LYS B 160 -1.42 34.40 5.23
N LYS B 161 -2.24 33.36 5.03
CA LYS B 161 -2.06 32.45 3.92
C LYS B 161 -2.61 33.01 2.62
N THR B 162 -1.97 32.66 1.52
CA THR B 162 -2.40 32.99 0.18
C THR B 162 -2.09 31.80 -0.72
N PRO B 163 -2.77 31.68 -1.88
CA PRO B 163 -2.54 30.53 -2.77
C PRO B 163 -1.07 30.24 -3.06
N LYS B 164 -0.47 30.98 -3.99
CA LYS B 164 0.97 30.96 -4.26
C LYS B 164 1.47 29.61 -4.78
N SER B 165 0.57 28.68 -5.13
CA SER B 165 1.01 27.39 -5.61
C SER B 165 1.51 27.50 -7.05
N PRO B 166 2.75 27.10 -7.36
CA PRO B 166 3.24 27.21 -8.74
C PRO B 166 2.44 26.42 -9.74
N VAL B 167 1.63 25.45 -9.30
CA VAL B 167 0.74 24.72 -10.19
C VAL B 167 -0.68 25.22 -10.12
N GLY B 168 -0.96 26.24 -9.31
CA GLY B 168 -2.29 26.80 -9.20
C GLY B 168 -3.16 26.06 -8.20
N VAL B 169 -3.37 24.76 -8.42
CA VAL B 169 -4.20 23.96 -7.53
C VAL B 169 -3.47 23.76 -6.21
N GLN B 170 -4.21 23.91 -5.10
CA GLN B 170 -3.62 23.91 -3.75
C GLN B 170 -3.62 22.51 -3.17
N PRO B 171 -2.52 22.08 -2.56
CA PRO B 171 -2.52 20.80 -1.84
C PRO B 171 -3.14 20.92 -0.45
N ILE B 172 -3.56 19.78 0.07
CA ILE B 172 -4.07 19.70 1.44
C ILE B 172 -2.88 19.54 2.38
N LEU B 173 -2.75 20.45 3.34
CA LEU B 173 -1.66 20.43 4.30
C LEU B 173 -2.21 20.61 5.70
N ASN B 174 -1.89 19.66 6.59
CA ASN B 174 -2.30 19.77 7.98
C ASN B 174 -1.40 18.86 8.82
N GLU B 175 -1.93 18.38 9.94
CA GLU B 175 -1.11 17.57 10.85
C GLU B 175 -0.89 16.16 10.31
N HIS B 176 -1.82 15.66 9.51
CA HIS B 176 -1.75 14.31 8.94
C HIS B 176 -0.85 14.23 7.72
N THR B 177 0.00 15.23 7.48
CA THR B 177 0.67 15.37 6.19
C THR B 177 2.15 15.63 6.37
N PHE B 178 2.95 15.08 5.43
CA PHE B 178 4.35 15.45 5.28
C PHE B 178 4.63 15.65 3.80
N CYS B 179 5.72 16.36 3.51
CA CYS B 179 6.11 16.66 2.14
C CYS B 179 7.40 15.95 1.77
N ALA B 180 7.63 15.83 0.46
CA ALA B 180 8.83 15.20 -0.07
C ALA B 180 9.39 16.09 -1.17
N GLY B 181 10.63 16.55 -1.00
CA GLY B 181 11.23 17.47 -1.93
C GLY B 181 11.76 16.81 -3.18
N MET B 182 12.37 17.62 -4.03
CA MET B 182 13.03 17.10 -5.21
C MET B 182 14.21 16.24 -4.79
N SER B 183 14.37 15.10 -5.46
CA SER B 183 15.45 14.18 -5.14
C SER B 183 16.80 14.86 -5.27
N LYS B 184 17.27 15.03 -6.51
CA LYS B 184 18.53 15.72 -6.78
C LYS B 184 18.47 16.42 -8.14
N TYR B 185 17.53 16.02 -8.98
CA TYR B 185 17.36 16.63 -10.29
C TYR B 185 15.97 17.23 -10.44
N GLN B 186 15.41 17.14 -11.64
CA GLN B 186 14.05 17.58 -11.92
C GLN B 186 13.09 16.41 -12.06
N GLU B 187 13.34 15.32 -11.33
CA GLU B 187 12.48 14.15 -11.34
C GLU B 187 11.56 14.20 -10.12
N ASP B 188 10.29 13.85 -10.34
CA ASP B 188 9.26 14.08 -9.33
C ASP B 188 8.07 13.18 -9.65
N THR B 189 7.03 13.28 -8.83
CA THR B 189 5.74 12.66 -9.11
C THR B 189 4.89 13.61 -9.95
N CYS B 190 3.83 13.06 -10.54
CA CYS B 190 2.98 13.84 -11.43
C CYS B 190 1.60 13.19 -11.48
N TYR B 191 0.76 13.67 -12.41
CA TYR B 191 -0.64 13.27 -12.44
C TYR B 191 -0.78 11.77 -12.58
N GLY B 192 -1.55 11.16 -11.68
CA GLY B 192 -1.76 9.73 -11.67
C GLY B 192 -0.91 8.96 -10.69
N ASP B 193 0.08 9.61 -10.07
CA ASP B 193 0.91 8.95 -9.07
C ASP B 193 0.24 8.89 -7.70
N ALA B 194 -0.83 9.64 -7.49
CA ALA B 194 -1.51 9.65 -6.21
C ALA B 194 -2.08 8.27 -5.91
N GLY B 195 -2.16 7.95 -4.61
CA GLY B 195 -2.52 6.64 -4.16
C GLY B 195 -1.35 5.69 -3.96
N SER B 196 -0.19 6.02 -4.51
CA SER B 196 0.99 5.20 -4.33
C SER B 196 1.63 5.47 -2.96
N ALA B 197 2.47 4.54 -2.54
CA ALA B 197 3.06 4.60 -1.20
C ALA B 197 4.43 5.27 -1.25
N PHE B 198 4.69 6.11 -0.26
CA PHE B 198 6.04 6.57 0.06
C PHE B 198 6.67 5.46 0.90
N ALA B 199 7.34 4.53 0.23
CA ALA B 199 7.83 3.31 0.86
C ALA B 199 9.20 3.54 1.47
N VAL B 200 9.34 3.16 2.74
CA VAL B 200 10.60 3.26 3.47
C VAL B 200 11.13 1.86 3.71
N HIS B 201 12.43 1.67 3.46
CA HIS B 201 13.08 0.38 3.67
C HIS B 201 13.78 0.42 5.03
N ASP B 202 13.20 -0.28 6.01
CA ASP B 202 13.80 -0.37 7.35
C ASP B 202 14.95 -1.36 7.30
N LEU B 203 16.19 -0.83 7.27
CA LEU B 203 17.37 -1.68 7.15
C LEU B 203 17.60 -2.53 8.39
N GLU B 204 17.08 -2.12 9.54
CA GLU B 204 17.23 -2.92 10.75
C GLU B 204 16.45 -4.22 10.67
N GLU B 205 15.24 -4.16 10.12
CA GLU B 205 14.41 -5.35 9.96
C GLU B 205 14.44 -5.91 8.54
N ASP B 206 14.99 -5.17 7.59
CA ASP B 206 14.90 -5.51 6.16
C ASP B 206 13.43 -5.72 5.77
N THR B 207 12.63 -4.69 6.01
CA THR B 207 11.21 -4.71 5.75
C THR B 207 10.79 -3.38 5.15
N TRP B 208 9.88 -3.42 4.18
CA TRP B 208 9.42 -2.22 3.49
C TRP B 208 8.08 -1.78 4.07
N TYR B 209 7.98 -0.49 4.37
CA TYR B 209 6.85 0.07 5.08
C TYR B 209 6.23 1.21 4.28
N ALA B 210 4.90 1.26 4.26
CA ALA B 210 4.17 2.39 3.70
C ALA B 210 4.14 3.51 4.73
N THR B 211 5.09 4.44 4.63
CA THR B 211 5.11 5.59 5.54
C THR B 211 4.11 6.65 5.11
N GLY B 212 3.86 6.79 3.81
CA GLY B 212 2.89 7.74 3.33
C GLY B 212 2.16 7.25 2.10
N ILE B 213 1.00 7.87 1.85
CA ILE B 213 0.25 7.69 0.61
C ILE B 213 0.24 9.03 -0.11
N LEU B 214 0.69 9.03 -1.36
CA LEU B 214 0.80 10.28 -2.11
C LEU B 214 -0.57 10.87 -2.37
N SER B 215 -0.79 12.08 -1.89
CA SER B 215 -2.06 12.78 -2.05
C SER B 215 -1.99 13.83 -3.15
N PHE B 216 -1.08 14.78 -3.02
CA PHE B 216 -0.93 15.85 -3.99
C PHE B 216 0.10 15.43 -5.04
N ASP B 217 -0.38 15.06 -6.23
CA ASP B 217 0.47 14.58 -7.31
C ASP B 217 0.47 15.55 -8.49
N LYS B 218 0.35 16.84 -8.24
CA LYS B 218 0.30 17.82 -9.32
C LYS B 218 1.51 18.73 -9.37
N SER B 219 2.50 18.52 -8.49
CA SER B 219 3.76 19.25 -8.56
C SER B 219 4.69 18.54 -9.54
N CYS B 220 4.32 18.62 -10.82
CA CYS B 220 5.04 17.92 -11.87
C CYS B 220 6.37 18.62 -12.18
N ALA B 221 7.25 18.62 -11.18
CA ALA B 221 8.60 19.17 -11.22
C ALA B 221 8.62 20.69 -11.48
N VAL B 222 7.47 21.35 -11.41
CA VAL B 222 7.42 22.80 -11.49
C VAL B 222 7.08 23.43 -10.12
N ALA B 223 6.43 22.69 -9.24
CA ALA B 223 6.38 23.01 -7.82
C ALA B 223 7.38 22.13 -7.07
N GLU B 224 7.64 22.47 -5.81
CA GLU B 224 8.73 21.84 -5.10
C GLU B 224 8.39 20.41 -4.67
N TYR B 225 7.39 20.27 -3.80
CA TYR B 225 7.18 19.03 -3.07
C TYR B 225 5.84 18.39 -3.42
N GLY B 226 5.83 17.05 -3.40
CA GLY B 226 4.59 16.33 -3.27
C GLY B 226 4.18 16.23 -1.81
N VAL B 227 2.88 16.03 -1.61
CA VAL B 227 2.29 16.02 -0.27
C VAL B 227 1.70 14.63 -0.03
N TYR B 228 2.05 14.04 1.11
CA TYR B 228 1.71 12.66 1.42
C TYR B 228 0.92 12.59 2.73
N VAL B 229 0.05 11.60 2.82
CA VAL B 229 -0.71 11.36 4.04
C VAL B 229 0.10 10.45 4.95
N LYS B 230 0.34 10.90 6.18
CA LYS B 230 1.02 10.06 7.16
C LYS B 230 0.20 8.80 7.43
N VAL B 231 0.81 7.64 7.18
CA VAL B 231 0.11 6.39 7.43
C VAL B 231 -0.07 6.16 8.92
N THR B 232 0.89 6.63 9.74
CA THR B 232 0.76 6.51 11.18
C THR B 232 -0.41 7.32 11.72
N SER B 233 -0.82 8.38 11.02
CA SER B 233 -1.93 9.20 11.48
C SER B 233 -3.29 8.60 11.14
N ILE B 234 -3.33 7.58 10.29
CA ILE B 234 -4.57 6.91 9.92
C ILE B 234 -4.59 5.44 10.32
N GLN B 235 -3.51 4.95 10.95
CA GLN B 235 -3.41 3.51 11.22
C GLN B 235 -4.56 3.01 12.07
N ASP B 236 -5.02 3.82 13.03
CA ASP B 236 -6.12 3.40 13.89
C ASP B 236 -7.41 3.23 13.09
N TRP B 237 -7.72 4.19 12.22
CA TRP B 237 -8.91 4.07 11.39
C TRP B 237 -8.79 2.91 10.41
N VAL B 238 -7.58 2.61 9.94
CA VAL B 238 -7.39 1.53 8.99
C VAL B 238 -7.65 0.18 9.66
N GLN B 239 -7.12 -0.02 10.86
CA GLN B 239 -7.31 -1.29 11.54
C GLN B 239 -8.76 -1.50 11.93
N LYS B 240 -9.47 -0.44 12.28
CA LYS B 240 -10.89 -0.56 12.63
C LYS B 240 -11.73 -0.87 11.40
N THR B 241 -11.43 -0.20 10.27
CA THR B 241 -12.22 -0.42 9.07
C THR B 241 -12.04 -1.82 8.52
N ILE B 242 -10.83 -2.37 8.63
CA ILE B 242 -10.56 -3.72 8.13
C ILE B 242 -11.37 -4.75 8.88
N ALA B 243 -11.84 -4.45 10.10
CA ALA B 243 -12.64 -5.41 10.86
C ALA B 243 -13.83 -4.69 11.52
N GLU B 244 -14.89 -4.44 10.76
CA GLU B 244 -14.94 -4.66 9.31
C GLU B 244 -15.91 -3.64 8.71
#